data_1OYF
#
_entry.id   1OYF
#
_cell.length_a   45.866
_cell.length_b   69.071
_cell.length_c   75.646
_cell.angle_alpha   90.00
_cell.angle_beta   90.00
_cell.angle_gamma   90.00
#
_symmetry.space_group_name_H-M   'P 21 21 21'
#
loop_
_entity.id
_entity.type
_entity.pdbx_description
1 polymer 'Phospholipase A2'
2 polymer 'Phospholipase A2'
3 non-polymer 'SULFATE ION'
4 non-polymer 6-METHYLHEPTAN-1-OL
5 non-polymer 'ACETIC ACID'
6 water water
#
loop_
_entity_poly.entity_id
_entity_poly.type
_entity_poly.pdbx_seq_one_letter_code
_entity_poly.pdbx_strand_id
1 'polypeptide(L)'
;SLLEFGRMILEETGKLAIPSYSSYGCYCGWGGKGTPKDATDRCCFVHDCCYGNLPDCNPQSDRYKYKRVNGAIVCEKGTS
CENRICECDKAAAICFRQNLNTYSKKYMLYPDFLCKGELKC
;
A
2 'polypeptide(L)'
;SLLEFGKMILEETGRLAIPSYSSYGCYCGWGGKGTPKDATDRCCFVHDCCYGNLPDCNPKSDRYKYKRVNGAIVCEKGTS
CENRICECDKAAAICFRQNLNTYSKKYMLYPDFLCKGELKC
;
B
#
loop_
_chem_comp.id
_chem_comp.type
_chem_comp.name
_chem_comp.formula
ACY non-polymer 'ACETIC ACID' 'C2 H4 O2'
MHN non-polymer 6-METHYLHEPTAN-1-OL 'C8 H18 O'
SO4 non-polymer 'SULFATE ION' 'O4 S -2'
#
# COMPACT_ATOMS: atom_id res chain seq x y z
N SER A 1 12.97 -6.98 2.58
CA SER A 1 11.80 -6.98 1.64
C SER A 1 10.54 -6.63 2.42
N LEU A 2 9.55 -6.12 1.69
CA LEU A 2 8.27 -5.73 2.26
C LEU A 2 7.68 -6.83 3.14
N LEU A 3 7.99 -8.08 2.81
CA LEU A 3 7.50 -9.20 3.60
C LEU A 3 8.01 -9.09 5.03
N GLU A 4 9.31 -8.84 5.21
CA GLU A 4 9.85 -8.69 6.56
C GLU A 4 9.34 -7.39 7.17
N PHE A 5 9.33 -6.33 6.40
CA PHE A 5 8.89 -5.03 6.90
C PHE A 5 7.43 -5.04 7.37
N GLY A 6 6.54 -5.49 6.48
CA GLY A 6 5.13 -5.53 6.78
C GLY A 6 4.76 -6.29 8.05
N ARG A 7 5.43 -7.40 8.28
CA ARG A 7 5.05 -8.12 9.45
C ARG A 7 5.91 -7.74 10.65
N MET A 8 6.84 -6.82 10.44
CA MET A 8 7.66 -6.31 11.54
C MET A 8 6.66 -5.33 12.19
N ILE A 9 5.97 -4.59 11.32
CA ILE A 9 4.97 -3.60 11.68
C ILE A 9 3.81 -4.14 12.52
N LEU A 10 3.38 -5.36 12.23
CA LEU A 10 2.27 -5.94 12.97
C LEU A 10 2.74 -6.51 14.30
N GLU A 11 4.03 -6.80 14.39
CA GLU A 11 4.57 -7.33 15.63
C GLU A 11 4.70 -6.19 16.62
N GLU A 12 5.02 -5.02 16.10
CA GLU A 12 5.21 -3.84 16.94
C GLU A 12 3.93 -3.02 17.21
N THR A 13 3.16 -2.77 16.17
CA THR A 13 1.95 -1.96 16.32
C THR A 13 0.68 -2.75 16.60
N GLY A 14 0.57 -3.93 16.00
CA GLY A 14 -0.64 -4.71 16.19
C GLY A 14 -1.55 -4.50 15.00
N LYS A 15 -1.14 -3.65 14.07
CA LYS A 15 -1.92 -3.38 12.88
C LYS A 15 -1.29 -4.01 11.63
N LEU A 16 -2.12 -4.39 10.67
CA LEU A 16 -1.63 -5.00 9.44
C LEU A 16 -1.09 -3.87 8.58
N ALA A 17 0.10 -4.08 8.01
CA ALA A 17 0.75 -3.07 7.19
C ALA A 17 -0.22 -2.50 6.13
N ILE A 18 -0.95 -3.37 5.45
CA ILE A 18 -1.88 -2.90 4.45
C ILE A 18 -3.18 -2.78 5.24
N PRO A 19 -3.85 -1.61 5.13
CA PRO A 19 -4.82 -0.51 5.25
C PRO A 19 -4.16 0.54 6.13
N SER A 20 -3.81 0.11 7.33
CA SER A 20 -3.20 0.97 8.33
C SER A 20 -2.06 1.86 7.84
N TYR A 21 -1.17 1.33 7.02
CA TYR A 21 -0.01 2.12 6.60
C TYR A 21 0.25 2.30 5.14
N SER A 22 -0.36 1.47 4.31
CA SER A 22 -0.13 1.54 2.87
C SER A 22 -0.39 2.91 2.22
N SER A 23 -1.24 3.74 2.83
CA SER A 23 -1.55 5.03 2.19
C SER A 23 -1.78 6.15 3.22
N TYR A 24 -1.06 6.09 4.33
CA TYR A 24 -1.22 7.07 5.41
C TYR A 24 -0.45 8.36 5.14
N GLY A 25 -1.15 9.49 5.34
CA GLY A 25 -0.52 10.78 5.14
C GLY A 25 0.10 11.03 3.77
N CYS A 26 1.24 11.71 3.75
CA CYS A 26 1.89 12.03 2.48
C CYS A 26 3.07 11.14 2.09
N TYR A 27 3.63 10.39 3.05
CA TYR A 27 4.78 9.51 2.75
C TYR A 27 4.59 8.06 3.09
N CYS A 28 3.51 7.75 3.79
CA CYS A 28 3.29 6.34 4.05
C CYS A 28 2.72 5.69 2.77
N GLY A 29 3.17 4.60 2.47
CA GLY A 29 2.77 3.83 1.33
C GLY A 29 3.83 4.26 0.43
N TRP A 30 4.01 4.17 -0.77
N TRP A 30 4.88 4.95 -1.78
CA TRP A 30 4.99 5.00 -1.38
CA TRP A 30 5.52 4.86 -2.71
C TRP A 30 4.36 6.16 -2.01
C TRP A 30 4.69 6.09 -3.01
N GLY A 31 4.91 7.34 -2.52
CA GLY A 31 4.66 8.51 -2.38
C GLY A 31 5.87 9.27 -1.90
N GLY A 32 5.90 10.57 -2.17
CA GLY A 32 7.08 11.29 -1.75
C GLY A 32 7.14 12.80 -1.69
N LYS A 33 6.02 13.49 -1.73
CA LYS A 33 6.11 14.95 -1.66
C LYS A 33 5.31 15.44 -0.47
N GLY A 34 5.45 16.74 -0.21
CA GLY A 34 4.72 17.35 0.88
C GLY A 34 5.44 17.43 2.21
N THR A 35 4.71 18.03 3.14
CA THR A 35 5.40 18.21 4.73
C THR A 35 4.42 17.22 5.35
N PRO A 36 5.16 16.20 5.83
CA PRO A 36 4.65 15.12 6.68
C PRO A 36 3.50 15.62 7.52
N LYS A 37 2.39 14.90 7.52
CA LYS A 37 1.22 15.31 8.28
C LYS A 37 1.37 15.24 9.78
N ASP A 38 1.87 14.12 10.29
CA ASP A 38 2.04 13.94 11.71
C ASP A 38 3.20 13.00 12.01
N ALA A 39 3.37 12.70 13.30
CA ALA A 39 4.45 11.82 13.75
C ALA A 39 4.55 10.54 12.95
N THR A 40 3.46 9.78 12.86
CA THR A 40 3.50 8.55 12.11
C THR A 40 4.02 8.83 10.72
N ASP A 41 3.45 9.85 10.10
CA ASP A 41 3.83 10.25 8.76
C ASP A 41 5.33 10.62 8.70
N ARG A 42 5.86 11.25 9.76
CA ARG A 42 7.28 11.62 9.75
C ARG A 42 8.17 10.39 9.68
N CYS A 43 7.69 9.28 10.23
CA CYS A 43 8.44 8.04 10.22
C CYS A 43 8.53 7.43 8.84
N CYS A 44 7.47 7.56 8.08
CA CYS A 44 7.48 7.05 6.74
C CYS A 44 8.48 7.88 5.95
N PHE A 45 8.52 9.18 6.24
CA PHE A 45 9.43 10.12 5.60
C PHE A 45 10.87 9.69 5.86
N VAL A 46 11.21 9.57 7.13
CA VAL A 46 12.55 9.18 7.54
C VAL A 46 12.91 7.82 6.98
N HIS A 47 11.93 6.91 6.92
CA HIS A 47 12.16 5.58 6.39
C HIS A 47 12.52 5.67 4.90
N ASP A 48 11.89 6.60 4.19
CA ASP A 48 12.16 6.81 2.76
C ASP A 48 13.59 7.35 2.55
N CYS A 49 14.02 8.24 3.45
CA CYS A 49 15.37 8.83 3.38
C CYS A 49 16.40 7.73 3.64
N CYS A 50 15.99 6.76 4.46
CA CYS A 50 16.83 5.65 4.84
C CYS A 50 17.02 4.70 3.64
N TYR A 51 15.93 4.36 2.99
CA TYR A 51 16.01 3.50 1.81
C TYR A 51 16.82 4.21 0.76
N GLY A 52 16.65 5.53 0.70
CA GLY A 52 17.35 6.35 -0.27
C GLY A 52 18.85 6.40 -0.14
N ASN A 53 19.38 6.00 1.02
CA ASN A 53 20.82 6.02 1.24
C ASN A 53 21.44 4.63 1.08
N LEU A 54 20.80 3.80 0.26
CA LEU A 54 21.26 2.44 0.00
C LEU A 54 21.18 2.25 -1.51
N PRO A 55 21.95 3.04 -2.28
CA PRO A 55 21.96 2.96 -3.74
C PRO A 55 22.39 1.61 -4.29
N ASP A 56 23.22 0.92 -3.53
CA ASP A 56 23.76 -0.37 -3.92
C ASP A 56 22.88 -1.58 -3.60
N CYS A 57 21.74 -1.31 -2.97
CA CYS A 57 20.84 -2.37 -2.55
C CYS A 57 19.43 -2.29 -3.14
N ASN A 58 18.70 -3.39 -3.06
CA ASN A 58 17.37 -3.42 -3.53
C ASN A 58 16.58 -3.68 -2.25
N PRO A 59 16.21 -2.61 -1.51
CA PRO A 59 15.43 -2.54 -0.28
C PRO A 59 14.05 -3.13 -0.24
N GLN A 60 13.31 -2.84 -1.29
CA GLN A 60 11.94 -3.32 -1.37
C GLN A 60 11.86 -4.84 -1.64
N SER A 61 12.96 -5.40 -2.12
CA SER A 61 12.98 -6.83 -2.48
C SER A 61 13.89 -7.87 -1.82
N ASP A 62 15.09 -7.50 -1.37
CA ASP A 62 16.01 -8.47 -0.76
C ASP A 62 15.49 -8.98 0.57
N ARG A 63 15.45 -10.29 0.78
CA ARG A 63 14.98 -10.83 2.07
C ARG A 63 16.17 -10.87 3.04
N TYR A 64 15.92 -10.42 4.26
CA TYR A 64 16.92 -10.41 5.34
C TYR A 64 16.28 -11.15 6.48
N LYS A 65 17.09 -11.60 7.43
CA LYS A 65 16.59 -12.36 8.58
C LYS A 65 16.75 -11.55 9.85
N TYR A 66 15.75 -11.57 10.73
CA TYR A 66 15.85 -10.85 11.98
C TYR A 66 15.15 -11.64 13.07
N LYS A 67 15.56 -11.42 14.32
CA LYS A 67 14.97 -12.12 15.44
C LYS A 67 14.59 -11.17 16.55
N ARG A 68 13.73 -11.61 17.47
CA ARG A 68 13.33 -10.77 18.58
C ARG A 68 13.99 -11.33 19.84
N VAL A 69 14.80 -10.50 20.48
CA VAL A 69 15.40 -11.09 21.79
C VAL A 69 14.88 -10.15 22.86
N ASN A 70 14.30 -10.88 23.79
CA ASN A 70 13.67 -10.28 24.97
C ASN A 70 12.81 -9.12 24.48
N GLY A 71 11.95 -9.42 23.51
CA GLY A 71 11.04 -8.42 22.97
C GLY A 71 11.62 -7.35 22.06
N ALA A 72 12.92 -7.39 21.78
CA ALA A 72 13.53 -6.38 20.91
C ALA A 72 13.91 -6.92 19.54
N ILE A 73 13.73 -6.11 18.51
CA ILE A 73 14.08 -6.53 17.15
C ILE A 73 15.58 -6.50 17.00
N VAL A 74 16.14 -7.60 16.49
CA VAL A 74 17.56 -7.69 16.29
C VAL A 74 17.83 -8.17 14.88
N CYS A 75 18.57 -7.37 14.13
CA CYS A 75 18.89 -7.72 12.76
C CYS A 75 20.06 -8.68 12.73
N GLU A 76 19.81 -9.87 12.20
CA GLU A 76 20.82 -10.90 12.09
C GLU A 76 21.85 -10.48 11.06
N LYS A 77 23.04 -11.06 11.09
CA LYS A 77 24.02 -10.64 10.10
C LYS A 77 23.78 -11.32 8.76
N GLY A 78 23.90 -10.53 7.72
CA GLY A 78 23.72 -11.02 6.37
C GLY A 78 24.68 -10.19 5.58
N THR A 79 24.27 -9.78 4.39
CA THR A 79 25.13 -8.95 3.58
C THR A 79 25.07 -7.52 4.11
N SER A 80 25.95 -6.68 3.58
CA SER A 80 25.97 -5.30 4.00
C SER A 80 24.56 -4.74 3.78
N CYS A 81 23.99 -5.05 2.61
CA CYS A 81 22.66 -4.59 2.26
C CYS A 81 21.55 -5.07 3.21
N GLU A 82 21.43 -6.39 3.35
CA GLU A 82 20.41 -6.97 4.21
C GLU A 82 20.45 -6.35 5.61
N ASN A 83 21.65 -5.99 6.07
CA ASN A 83 21.79 -5.40 7.39
C ASN A 83 21.33 -3.95 7.47
N ARG A 84 21.73 -3.13 6.51
CA ARG A 84 21.35 -1.73 6.51
C ARG A 84 19.85 -1.57 6.27
N ILE A 85 19.29 -2.43 5.41
CA ILE A 85 17.87 -2.40 5.11
C ILE A 85 17.07 -2.73 6.35
N CYS A 86 17.46 -3.82 6.99
CA CYS A 86 16.79 -4.27 8.19
C CYS A 86 16.75 -3.15 9.23
N GLU A 87 17.85 -2.45 9.43
CA GLU A 87 17.88 -1.36 10.40
C GLU A 87 16.93 -0.24 10.00
N CYS A 88 16.81 0.01 8.71
CA CYS A 88 15.90 1.07 8.27
C CYS A 88 14.48 0.68 8.68
N ASP A 89 14.14 -0.57 8.40
CA ASP A 89 12.83 -1.14 8.71
C ASP A 89 12.54 -1.20 10.21
N LYS A 90 13.53 -1.59 11.00
CA LYS A 90 13.33 -1.68 12.43
C LYS A 90 13.03 -0.29 13.00
N ALA A 91 13.76 0.70 12.52
CA ALA A 91 13.61 2.06 13.00
C ALA A 91 12.22 2.58 12.69
N ALA A 92 11.73 2.29 11.49
CA ALA A 92 10.41 2.77 11.11
C ALA A 92 9.32 2.11 11.96
N ALA A 93 9.41 0.78 12.08
CA ALA A 93 8.43 0.01 12.83
C ALA A 93 8.32 0.49 14.27
N ILE A 94 9.46 0.52 14.95
CA ILE A 94 9.49 0.96 16.33
C ILE A 94 8.91 2.36 16.45
N CYS A 95 9.27 3.24 15.52
CA CYS A 95 8.72 4.58 15.59
C CYS A 95 7.20 4.47 15.51
N PHE A 96 6.71 3.65 14.56
CA PHE A 96 5.28 3.50 14.39
C PHE A 96 4.60 3.22 15.72
N ARG A 97 5.12 2.28 16.49
CA ARG A 97 4.47 1.99 17.76
C ARG A 97 4.60 3.15 18.74
N GLN A 98 5.75 3.83 18.77
CA GLN A 98 5.90 4.95 19.69
C GLN A 98 4.88 6.04 19.45
N ASN A 99 4.33 6.11 18.25
CA ASN A 99 3.37 7.14 17.97
C ASN A 99 1.97 6.62 17.70
N LEU A 100 1.71 5.39 18.12
CA LEU A 100 0.38 4.81 17.93
C LEU A 100 -0.73 5.71 18.51
N ASN A 101 -0.46 6.34 19.65
CA ASN A 101 -1.45 7.18 20.32
C ASN A 101 -1.85 8.47 19.58
N THR A 102 -1.25 8.70 18.41
CA THR A 102 -1.60 9.88 17.61
C THR A 102 -2.09 9.38 16.26
N TYR A 103 -2.09 8.07 16.08
CA TYR A 103 -2.58 7.50 14.84
C TYR A 103 -4.00 8.00 14.61
N SER A 104 -4.21 8.64 13.46
CA SER A 104 -5.50 9.21 13.11
C SER A 104 -6.11 8.59 11.84
N LYS A 105 -7.29 7.99 11.94
CA LYS A 105 -7.93 7.40 10.76
C LYS A 105 -8.07 8.54 9.76
N LYS A 106 -8.20 9.74 10.30
CA LYS A 106 -8.34 10.96 9.51
C LYS A 106 -7.30 11.05 8.38
N TYR A 107 -6.20 10.32 8.53
CA TYR A 107 -5.14 10.36 7.52
C TYR A 107 -4.95 9.11 6.65
N MET A 108 -5.70 8.04 6.90
CA MET A 108 -5.57 6.85 6.05
C MET A 108 -6.23 7.28 4.74
N LEU A 109 -5.75 6.75 3.61
CA LEU A 109 -6.34 7.09 2.32
C LEU A 109 -6.30 8.57 2.04
N TYR A 110 -5.23 9.20 2.50
CA TYR A 110 -5.03 10.63 2.33
C TYR A 110 -4.68 11.01 0.89
N PRO A 111 -5.35 12.04 0.36
CA PRO A 111 -5.13 12.51 -1.02
C PRO A 111 -3.70 12.94 -1.23
N ASP A 112 -2.92 12.05 -1.84
CA ASP A 112 -1.54 12.31 -2.17
C ASP A 112 -1.52 13.69 -2.81
N PHE A 113 -2.62 14.00 -3.49
CA PHE A 113 -2.78 15.28 -4.17
C PHE A 113 -2.50 16.50 -3.30
N LEU A 114 -3.02 16.51 -2.09
CA LEU A 114 -2.83 17.63 -1.20
C LEU A 114 -1.37 17.93 -0.77
N CYS A 115 -0.47 17.00 -1.07
CA CYS A 115 0.95 17.16 -0.70
C CYS A 115 1.81 17.74 -1.79
N LYS A 116 2.24 18.99 -1.65
CA LYS A 116 3.06 19.61 -2.69
C LYS A 116 4.48 20.02 -2.27
N GLY A 117 5.45 19.78 -3.14
CA GLY A 117 6.83 20.16 -2.86
C GLY A 117 7.73 19.11 -2.23
N GLU A 118 9.03 19.21 -2.49
CA GLU A 118 10.02 18.25 -1.98
C GLU A 118 10.93 18.81 -0.86
N LEU A 119 10.79 18.24 0.33
CA LEU A 119 11.53 18.61 1.53
C LEU A 119 12.95 18.04 1.30
N LYS A 120 14.01 18.71 1.78
CA LYS A 120 15.33 18.08 1.61
C LYS A 120 15.10 16.91 2.51
N CYS A 121 15.07 15.61 2.18
CA CYS A 121 15.17 14.69 3.34
C CYS A 121 16.40 15.00 4.22
N SER B 1 -17.43 -9.67 -4.33
CA SER B 1 -17.10 -10.17 -5.71
C SER B 1 -16.84 -9.01 -6.64
N LEU B 2 -16.17 -9.31 -7.74
CA LEU B 2 -15.82 -8.33 -8.75
C LEU B 2 -17.04 -7.60 -9.27
N LEU B 3 -18.21 -8.17 -9.07
CA LEU B 3 -19.43 -7.54 -9.52
C LEU B 3 -19.70 -6.31 -8.65
N GLU B 4 -19.31 -6.38 -7.38
CA GLU B 4 -19.48 -5.26 -6.46
C GLU B 4 -18.32 -4.29 -6.65
N PHE B 5 -17.12 -4.83 -6.78
CA PHE B 5 -15.91 -4.03 -6.96
C PHE B 5 -16.04 -3.16 -8.22
N GLY B 6 -16.58 -3.75 -9.29
CA GLY B 6 -16.75 -3.01 -10.51
C GLY B 6 -17.77 -1.91 -10.37
N LYS B 7 -18.76 -2.15 -9.52
CA LYS B 7 -19.81 -1.16 -9.31
C LYS B 7 -19.23 0.05 -8.57
N MET B 8 -18.43 -0.20 -7.54
CA MET B 8 -17.81 0.91 -6.80
C MET B 8 -16.92 1.70 -7.73
N ILE B 9 -16.17 1.00 -8.57
CA ILE B 9 -15.28 1.67 -9.49
C ILE B 9 -16.01 2.62 -10.41
N LEU B 10 -17.10 2.16 -11.02
CA LEU B 10 -17.87 3.02 -11.91
C LEU B 10 -18.51 4.20 -11.16
N GLU B 11 -18.83 3.97 -9.90
CA GLU B 11 -19.43 5.01 -9.06
C GLU B 11 -18.44 6.10 -8.69
N GLU B 12 -17.29 5.69 -8.17
CA GLU B 12 -16.25 6.61 -7.74
C GLU B 12 -15.45 7.29 -8.86
N THR B 13 -15.31 6.62 -10.00
CA THR B 13 -14.51 7.18 -11.10
C THR B 13 -15.26 7.54 -12.36
N GLY B 14 -16.38 6.86 -12.62
CA GLY B 14 -17.13 7.13 -13.84
C GLY B 14 -16.61 6.30 -15.01
N ARG B 15 -15.47 5.64 -14.82
CA ARG B 15 -14.89 4.83 -15.89
C ARG B 15 -15.30 3.35 -15.63
N LEU B 16 -15.43 2.55 -16.68
CA LEU B 16 -15.79 1.13 -16.51
C LEU B 16 -14.54 0.34 -16.14
N ALA B 17 -14.67 -0.59 -15.19
CA ALA B 17 -13.51 -1.38 -14.75
C ALA B 17 -12.79 -2.00 -15.93
N ILE B 18 -13.54 -2.50 -16.89
CA ILE B 18 -12.91 -3.06 -18.06
C ILE B 18 -12.97 -1.97 -19.09
N PRO B 19 -11.79 -1.62 -19.65
CA PRO B 19 -10.64 -1.12 -20.35
C PRO B 19 -9.90 -0.30 -19.35
N SER B 20 -10.56 0.75 -18.92
CA SER B 20 -10.04 1.71 -17.98
C SER B 20 -9.11 1.20 -16.90
N TYR B 21 -9.49 0.12 -16.20
CA TYR B 21 -8.62 -0.39 -15.15
C TYR B 21 -8.22 -1.85 -15.25
N SER B 22 -8.41 -2.45 -16.42
CA SER B 22 -8.06 -3.86 -16.63
C SER B 22 -6.78 -4.09 -17.45
N SER B 23 -6.25 -3.04 -18.08
CA SER B 23 -5.01 -3.15 -18.84
C SER B 23 -4.23 -1.86 -18.66
N TYR B 24 -4.13 -1.41 -17.41
CA TYR B 24 -3.45 -0.18 -17.06
C TYR B 24 -2.19 -0.42 -16.24
N GLY B 25 -1.06 0.01 -16.78
CA GLY B 25 0.20 -0.14 -16.07
C GLY B 25 0.65 -1.58 -15.90
N CYS B 26 1.44 -1.81 -14.86
CA CYS B 26 1.94 -3.14 -14.59
C CYS B 26 1.10 -3.94 -13.62
N TYR B 27 0.07 -3.33 -13.04
CA TYR B 27 -0.71 -4.09 -12.04
C TYR B 27 -2.22 -4.03 -12.14
N CYS B 28 -2.75 -3.01 -12.82
CA CYS B 28 -4.23 -3.02 -12.98
C CYS B 28 -4.55 -4.05 -14.09
N GLY B 29 -4.97 -5.23 -13.66
CA GLY B 29 -5.34 -6.28 -14.58
C GLY B 29 -4.98 -7.55 -13.85
N TRP B 30 -4.45 -8.52 -14.58
CA TRP B 30 -4.12 -9.79 -13.98
C TRP B 30 -2.63 -10.18 -13.99
N GLY B 31 -1.90 -9.76 -15.01
CA GLY B 31 -0.50 -10.11 -15.11
C GLY B 31 0.40 -9.89 -13.89
N GLY B 32 0.24 -8.75 -13.23
CA GLY B 32 1.01 -8.42 -12.05
C GLY B 32 2.52 -8.62 -11.99
N LYS B 33 3.29 -7.71 -12.59
CA LYS B 33 4.75 -7.82 -12.54
C LYS B 33 5.47 -6.47 -12.59
N GLY B 34 6.63 -6.41 -11.96
CA GLY B 34 7.41 -5.19 -11.96
C GLY B 34 7.11 -4.15 -10.90
N THR B 35 7.45 -2.91 -11.22
CA THR B 35 7.23 -1.81 -10.30
C THR B 35 6.11 -0.91 -10.78
N PRO B 36 5.16 -0.59 -9.89
CA PRO B 36 4.04 0.28 -10.23
C PRO B 36 4.56 1.49 -10.99
N LYS B 37 3.84 1.95 -12.01
CA LYS B 37 4.29 3.08 -12.80
C LYS B 37 3.75 4.44 -12.37
N ASP B 38 2.64 4.44 -11.65
CA ASP B 38 2.07 5.70 -11.21
C ASP B 38 1.03 5.50 -10.11
N ALA B 39 0.49 6.62 -9.64
CA ALA B 39 -0.51 6.64 -8.57
C ALA B 39 -1.58 5.57 -8.74
N THR B 40 -2.20 5.56 -9.91
CA THR B 40 -3.25 4.59 -10.18
C THR B 40 -2.71 3.16 -10.19
N ASP B 41 -1.51 2.97 -10.73
CA ASP B 41 -0.94 1.63 -10.78
C ASP B 41 -0.65 1.11 -9.35
N ARG B 42 -0.23 2.01 -8.45
CA ARG B 42 0.04 1.60 -7.07
C ARG B 42 -1.24 1.21 -6.33
N CYS B 43 -2.35 1.87 -6.64
CA CYS B 43 -3.63 1.54 -5.99
C CYS B 43 -3.90 0.09 -6.31
N CYS B 44 -3.66 -0.28 -7.56
CA CYS B 44 -3.87 -1.64 -8.02
C CYS B 44 -2.88 -2.61 -7.37
N PHE B 45 -1.64 -2.18 -7.20
CA PHE B 45 -0.64 -3.02 -6.56
C PHE B 45 -1.03 -3.29 -5.12
N VAL B 46 -1.41 -2.24 -4.41
CA VAL B 46 -1.82 -2.38 -3.03
C VAL B 46 -3.05 -3.27 -2.92
N HIS B 47 -3.94 -3.12 -3.88
CA HIS B 47 -5.16 -3.90 -3.88
C HIS B 47 -4.95 -5.40 -3.98
N ASP B 48 -4.15 -5.91 -4.90
CA ASP B 48 -4.04 -7.35 -4.87
C ASP B 48 -3.09 -7.82 -3.76
N CYS B 49 -2.37 -6.90 -3.12
CA CYS B 49 -1.54 -7.31 -2.00
C CYS B 49 -2.58 -7.53 -0.90
N CYS B 50 -3.64 -6.73 -0.94
CA CYS B 50 -4.72 -6.83 0.03
C CYS B 50 -5.44 -8.17 -0.12
N TYR B 51 -5.65 -8.60 -1.36
CA TYR B 51 -6.32 -9.88 -1.62
C TYR B 51 -5.39 -10.99 -1.15
N GLY B 52 -4.10 -10.64 -1.05
CA GLY B 52 -3.10 -11.61 -0.60
C GLY B 52 -3.25 -11.97 0.86
N ASN B 53 -3.57 -11.01 1.72
CA ASN B 53 -3.75 -11.33 3.14
C ASN B 53 -5.01 -12.19 3.37
N LEU B 54 -5.83 -12.44 2.35
CA LEU B 54 -7.09 -13.19 2.52
C LEU B 54 -7.10 -14.61 1.94
N PRO B 55 -6.13 -15.44 2.33
CA PRO B 55 -6.07 -16.81 1.81
C PRO B 55 -7.32 -17.64 2.05
N ASP B 56 -7.91 -17.50 3.23
CA ASP B 56 -9.08 -18.26 3.57
C ASP B 56 -10.39 -17.82 2.92
N CYS B 57 -10.31 -16.90 1.97
CA CYS B 57 -11.53 -16.41 1.28
C CYS B 57 -11.29 -16.38 -0.22
N ASN B 58 -12.35 -16.18 -0.99
CA ASN B 58 -12.18 -16.06 -2.41
C ASN B 58 -12.89 -14.82 -2.94
N PRO B 59 -12.16 -13.70 -3.02
CA PRO B 59 -12.52 -12.37 -3.50
C PRO B 59 -13.15 -12.25 -4.88
N LYS B 60 -12.69 -13.07 -5.81
CA LYS B 60 -13.23 -13.03 -7.17
C LYS B 60 -14.74 -13.16 -7.19
N SER B 61 -15.28 -14.00 -6.34
CA SER B 61 -16.72 -14.24 -6.40
C SER B 61 -17.69 -14.18 -5.21
N ASP B 62 -17.26 -14.42 -3.97
CA ASP B 62 -18.18 -14.29 -2.83
C ASP B 62 -18.72 -12.83 -2.85
N ARG B 63 -20.03 -12.65 -2.92
CA ARG B 63 -20.55 -11.29 -2.92
C ARG B 63 -20.92 -10.79 -1.51
N TYR B 64 -20.67 -9.50 -1.34
CA TYR B 64 -20.94 -8.80 -0.12
C TYR B 64 -21.85 -7.65 -0.44
N LYS B 65 -22.30 -6.97 0.60
CA LYS B 65 -23.16 -5.82 0.40
C LYS B 65 -22.50 -4.60 1.01
N TYR B 66 -22.69 -3.46 0.35
CA TYR B 66 -22.15 -2.21 0.85
C TYR B 66 -23.21 -1.15 0.53
N LYS B 67 -23.05 0.03 1.08
CA LYS B 67 -24.00 1.11 0.87
C LYS B 67 -23.32 2.41 1.30
N ARG B 68 -23.91 3.54 0.94
CA ARG B 68 -23.33 4.80 1.29
C ARG B 68 -24.03 5.37 2.48
N VAL B 69 -23.26 6.10 3.27
CA VAL B 69 -23.75 6.76 4.45
C VAL B 69 -23.12 8.12 4.36
N ASN B 70 -23.95 9.13 4.19
CA ASN B 70 -23.45 10.49 4.04
C ASN B 70 -22.41 10.45 2.91
N GLY B 71 -22.80 9.77 1.82
CA GLY B 71 -21.96 9.66 0.65
C GLY B 71 -20.70 8.81 0.69
N ALA B 72 -20.40 8.21 1.83
CA ALA B 72 -19.22 7.38 1.96
C ALA B 72 -19.54 5.89 1.83
N ILE B 73 -18.61 5.14 1.26
CA ILE B 73 -18.81 3.71 1.10
C ILE B 73 -18.65 3.06 2.47
N VAL B 74 -19.59 2.19 2.80
CA VAL B 74 -19.56 1.48 4.07
C VAL B 74 -19.89 0.03 3.79
N CYS B 75 -19.04 -0.86 4.27
CA CYS B 75 -19.27 -2.28 4.06
C CYS B 75 -20.31 -2.80 5.04
N GLU B 76 -21.43 -3.28 4.50
CA GLU B 76 -22.50 -3.83 5.32
C GLU B 76 -21.92 -4.99 6.12
N LYS B 77 -22.62 -5.46 7.15
CA LYS B 77 -22.03 -6.54 7.92
C LYS B 77 -22.28 -7.88 7.30
N GLY B 78 -21.41 -8.83 7.60
CA GLY B 78 -21.54 -10.17 7.05
C GLY B 78 -20.51 -11.11 7.62
N THR B 79 -20.00 -11.99 6.77
CA THR B 79 -18.99 -12.95 7.19
C THR B 79 -17.68 -12.20 7.22
N SER B 80 -16.73 -12.68 8.03
CA SER B 80 -15.45 -12.00 8.13
C SER B 80 -14.84 -11.78 6.75
N CYS B 81 -14.94 -12.80 5.91
CA CYS B 81 -14.41 -12.72 4.56
C CYS B 81 -15.05 -11.60 3.76
N GLU B 82 -16.39 -11.64 3.65
CA GLU B 82 -17.12 -10.62 2.91
C GLU B 82 -16.70 -9.23 3.37
N ASN B 83 -16.50 -9.07 4.67
CA ASN B 83 -16.09 -7.77 5.19
C ASN B 83 -14.68 -7.34 4.82
N ARG B 84 -13.72 -8.27 4.90
CA ARG B 84 -12.33 -7.94 4.59
C ARG B 84 -12.16 -7.74 3.09
N ILE B 85 -12.84 -8.57 2.30
CA ILE B 85 -12.76 -8.43 0.85
C ILE B 85 -13.25 -7.03 0.45
N CYS B 86 -14.34 -6.61 1.07
CA CYS B 86 -14.97 -5.31 0.79
C CYS B 86 -14.08 -4.12 1.18
N GLU B 87 -13.34 -4.26 2.27
CA GLU B 87 -12.45 -3.19 2.71
C GLU B 87 -11.35 -3.04 1.67
N CYS B 88 -10.86 -4.16 1.15
CA CYS B 88 -9.83 -4.12 0.12
C CYS B 88 -10.37 -3.35 -1.09
N ASP B 89 -11.59 -3.70 -1.50
CA ASP B 89 -12.22 -3.06 -2.64
C ASP B 89 -12.55 -1.59 -2.39
N LYS B 90 -13.13 -1.30 -1.24
CA LYS B 90 -13.50 0.06 -0.88
C LYS B 90 -12.33 1.02 -1.01
N ALA B 91 -11.22 0.65 -0.39
CA ALA B 91 -10.01 1.46 -0.42
C ALA B 91 -9.51 1.65 -1.86
N ALA B 92 -9.46 0.56 -2.61
CA ALA B 92 -8.99 0.64 -3.99
C ALA B 92 -9.80 1.61 -4.85
N ALA B 93 -11.12 1.53 -4.77
CA ALA B 93 -11.98 2.40 -5.57
C ALA B 93 -11.79 3.85 -5.16
N ILE B 94 -11.61 4.10 -3.87
CA ILE B 94 -11.41 5.47 -3.40
C ILE B 94 -10.06 5.96 -3.91
N CYS B 95 -9.09 5.06 -3.91
CA CYS B 95 -7.74 5.36 -4.38
C CYS B 95 -7.78 5.72 -5.88
N PHE B 96 -8.60 5.03 -6.66
CA PHE B 96 -8.67 5.33 -8.10
C PHE B 96 -9.27 6.73 -8.28
N ARG B 97 -10.19 7.11 -7.39
CA ARG B 97 -10.79 8.43 -7.53
C ARG B 97 -9.86 9.56 -7.15
N GLN B 98 -9.12 9.41 -6.06
CA GLN B 98 -8.21 10.45 -5.63
C GLN B 98 -7.09 10.65 -6.63
N ASN B 99 -6.92 9.71 -7.54
CA ASN B 99 -5.86 9.80 -8.53
C ASN B 99 -6.36 9.93 -9.96
N LEU B 100 -7.61 10.32 -10.12
CA LEU B 100 -8.17 10.49 -11.44
C LEU B 100 -7.40 11.63 -12.10
N ASN B 101 -6.72 12.42 -11.27
CA ASN B 101 -5.95 13.57 -11.73
C ASN B 101 -4.73 13.23 -12.60
N THR B 102 -4.04 12.14 -12.29
CA THR B 102 -2.86 11.77 -13.05
C THR B 102 -3.04 10.54 -13.94
N TYR B 103 -4.29 10.08 -14.04
CA TYR B 103 -4.62 8.92 -14.87
C TYR B 103 -4.33 9.31 -16.33
N SER B 104 -3.36 8.63 -16.95
CA SER B 104 -3.02 8.93 -18.34
C SER B 104 -3.23 7.73 -19.27
N LYS B 105 -3.63 8.00 -20.51
CA LYS B 105 -3.88 6.94 -21.48
C LYS B 105 -2.56 6.30 -21.95
N LYS B 106 -1.42 6.91 -21.63
CA LYS B 106 -0.13 6.37 -22.05
C LYS B 106 0.23 5.06 -21.34
N TYR B 107 -0.49 4.74 -20.28
CA TYR B 107 -0.26 3.53 -19.51
C TYR B 107 -1.19 2.36 -19.86
N MET B 108 -2.08 2.57 -20.82
CA MET B 108 -3.00 1.51 -21.21
C MET B 108 -2.33 0.55 -22.16
N LEU B 109 -2.59 -0.73 -21.97
CA LEU B 109 -2.00 -1.75 -22.82
C LEU B 109 -0.48 -1.63 -22.75
N TYR B 110 0.01 -1.31 -21.56
CA TYR B 110 1.44 -1.16 -21.33
C TYR B 110 2.17 -2.48 -21.59
N PRO B 111 3.31 -2.42 -22.30
CA PRO B 111 4.07 -3.64 -22.59
C PRO B 111 4.75 -4.30 -21.39
N ASP B 112 4.76 -5.62 -21.44
CA ASP B 112 5.35 -6.47 -20.40
C ASP B 112 6.82 -6.15 -20.16
N PHE B 113 7.59 -5.94 -21.22
CA PHE B 113 8.99 -5.65 -21.06
C PHE B 113 9.33 -4.34 -20.36
N LEU B 114 8.32 -3.49 -20.17
CA LEU B 114 8.52 -2.22 -19.48
C LEU B 114 8.13 -2.32 -18.01
N CYS B 115 7.73 -3.51 -17.56
CA CYS B 115 7.36 -3.73 -16.16
C CYS B 115 8.63 -4.32 -15.57
N LYS B 116 9.25 -3.56 -14.67
CA LYS B 116 10.58 -3.93 -14.20
C LYS B 116 11.10 -4.70 -12.98
N GLY B 117 11.07 -4.13 -11.78
CA GLY B 117 11.63 -4.84 -10.62
C GLY B 117 11.12 -6.22 -10.23
N GLU B 118 11.60 -6.71 -9.08
CA GLU B 118 11.13 -7.97 -8.51
C GLU B 118 10.47 -7.32 -7.31
N LEU B 119 9.18 -7.56 -7.14
CA LEU B 119 8.47 -6.97 -6.03
C LEU B 119 7.46 -7.98 -5.49
N LYS B 120 7.47 -8.19 -4.19
CA LYS B 120 6.57 -9.15 -3.56
C LYS B 120 5.78 -8.59 -2.41
N CYS B 121 4.72 -9.30 -2.03
CA CYS B 121 3.87 -8.92 -0.91
C CYS B 121 2.95 -10.08 -0.54
S SO4 C . 13.78 -2.68 -4.83
O1 SO4 C . 13.73 -1.18 -4.27
O2 SO4 C . 14.78 -2.68 -5.92
O3 SO4 C . 14.10 -3.52 -3.88
O4 SO4 C . 12.46 -2.86 -5.41
O1 MHN D . 8.73 5.03 3.06
C8 MHN D . 7.85 4.43 4.05
C7 MHN D . 7.10 3.27 3.35
C6 MHN D . 6.13 2.54 4.31
C5 MHN D . 5.39 1.36 3.61
C4 MHN D . 4.42 0.61 4.60
C2 MHN D . 3.58 -0.62 4.07
C1 MHN D . 3.26 -0.50 2.54
C3 MHN D . 4.35 -1.95 4.27
C ACY E . 4.01 14.01 18.58
O ACY E . 3.38 13.01 18.02
OXT ACY E . 5.18 14.43 18.31
CH3 ACY E . 3.18 14.70 19.65
O1 MHN F . -5.44 -5.72 -8.12
C8 MHN F . -5.99 -4.46 -8.53
C7 MHN F . -7.02 -4.81 -9.57
C6 MHN F . -7.83 -3.71 -10.25
C5 MHN F . -8.66 -4.58 -11.14
C4 MHN F . -9.73 -4.07 -12.10
C2 MHN F . -10.34 -5.31 -12.84
C1 MHN F . -10.53 -6.49 -11.83
C3 MHN F . -11.73 -5.03 -13.43
#